data_4G9S
#
_entry.id   4G9S
#
_cell.length_a   132.182
_cell.length_b   132.182
_cell.length_c   42.902
_cell.angle_alpha   90.00
_cell.angle_beta   90.00
_cell.angle_gamma   120.00
#
_symmetry.space_group_name_H-M   'P 65'
#
loop_
_entity.id
_entity.type
_entity.pdbx_description
1 polymer 'Goose-type lysozyme'
2 polymer 'Inhibitor of g-type lysozyme'
3 non-polymer 'CHLORIDE ION'
4 non-polymer 'CITRATE ANION'
5 water water
#
loop_
_entity_poly.entity_id
_entity_poly.type
_entity_poly.pdbx_seq_one_letter_code
_entity_poly.pdbx_strand_id
1 'polypeptide(L)'
;HHHHHHHMDITKVDTSGASEITARQDKLTLQGVDASHKLAEHDLVRMNKYKELITRVGQKHGLDPAIIAGIISRESRAGS
ALDHGWGDHGKGFGLMQVDKRYHKIVGAWDSEKHISQGTEILIEFIRRIQAKFPVWPKEHQLKGGISAYNAGDKNVRTYE
RMDVGTTGGDYSNDVVARSQWFKSQGY
;
A
2 'polypeptide(L)'
;AGKNVNVEFRKGHSSAQYSGEIKGYDYDTYTFYAKKGQKVHVSISNEGADTYLFGPGIDDSVDLSRYSPELDSHGQYSLP
ASGKYELRVLQTRNDARKNKTKKYNVDIQIK
;
B
#
loop_
_chem_comp.id
_chem_comp.type
_chem_comp.name
_chem_comp.formula
CL non-polymer 'CHLORIDE ION' 'Cl -1'
FLC non-polymer 'CITRATE ANION' 'C6 H5 O7 -3'
#
# COMPACT_ATOMS: atom_id res chain seq x y z
N HIS A 1 15.99 10.12 3.06
CA HIS A 1 14.88 9.44 2.31
C HIS A 1 14.14 10.42 1.43
N HIS A 2 14.87 11.20 0.64
CA HIS A 2 14.25 12.23 -0.17
C HIS A 2 13.35 11.62 -1.24
N HIS A 3 12.29 12.33 -1.55
CA HIS A 3 11.46 11.98 -2.67
C HIS A 3 12.04 12.57 -3.95
N HIS A 4 11.85 11.83 -5.04
CA HIS A 4 12.37 12.23 -6.33
C HIS A 4 11.60 11.56 -7.47
N HIS A 5 10.28 11.73 -7.49
CA HIS A 5 9.41 11.15 -8.53
C HIS A 5 9.04 12.14 -9.63
N HIS A 6 9.69 13.30 -9.65
CA HIS A 6 9.32 14.37 -10.55
C HIS A 6 9.65 14.12 -12.02
N HIS A 7 10.53 13.15 -12.32
CA HIS A 7 10.82 12.86 -13.72
C HIS A 7 9.90 11.79 -14.29
N MET A 8 9.11 11.13 -13.45
CA MET A 8 8.26 9.99 -13.82
CA MET A 8 8.35 9.99 -13.94
C MET A 8 7.20 10.41 -14.83
N ASP A 9 6.98 9.60 -15.86
CA ASP A 9 6.06 9.89 -16.94
C ASP A 9 5.30 8.60 -17.31
N ILE A 10 4.02 8.55 -16.96
CA ILE A 10 3.23 7.35 -17.16
C ILE A 10 3.15 6.93 -18.63
N THR A 11 3.30 7.88 -19.56
CA THR A 11 3.17 7.56 -20.98
C THR A 11 4.32 6.74 -21.52
N LYS A 12 5.42 6.67 -20.77
CA LYS A 12 6.59 5.92 -21.20
C LYS A 12 6.64 4.53 -20.63
N VAL A 13 5.65 4.18 -19.81
CA VAL A 13 5.63 2.87 -19.17
C VAL A 13 4.98 1.84 -20.08
N ASP A 14 5.65 0.71 -20.25
CA ASP A 14 5.12 -0.37 -21.05
C ASP A 14 4.07 -1.13 -20.27
N THR A 15 3.11 -1.72 -20.97
CA THR A 15 2.03 -2.44 -20.32
C THR A 15 1.45 -3.50 -21.23
N SER A 16 1.09 -4.62 -20.61
CA SER A 16 0.33 -5.69 -21.26
C SER A 16 -1.13 -5.73 -20.77
N GLY A 17 -1.53 -4.73 -20.00
CA GLY A 17 -2.93 -4.61 -19.62
C GLY A 17 -3.43 -5.69 -18.68
N ALA A 18 -4.73 -5.96 -18.78
CA ALA A 18 -5.42 -6.83 -17.84
C ALA A 18 -5.29 -8.29 -18.20
N SER A 19 -5.19 -9.12 -17.17
CA SER A 19 -5.27 -10.56 -17.33
C SER A 19 -6.70 -11.01 -17.64
N GLU A 20 -6.84 -12.27 -18.02
CA GLU A 20 -8.14 -12.84 -18.29
CA GLU A 20 -8.16 -12.82 -18.29
C GLU A 20 -9.02 -12.77 -17.04
N ILE A 21 -8.43 -13.06 -15.88
CA ILE A 21 -9.15 -13.02 -14.62
C ILE A 21 -9.77 -11.64 -14.39
N THR A 22 -8.99 -10.59 -14.59
CA THR A 22 -9.47 -9.25 -14.36
C THR A 22 -10.55 -8.85 -15.37
N ALA A 23 -10.33 -9.17 -16.62
CA ALA A 23 -11.28 -8.82 -17.68
C ALA A 23 -12.67 -9.39 -17.42
N ARG A 24 -12.70 -10.53 -16.73
CA ARG A 24 -13.96 -11.21 -16.49
C ARG A 24 -14.87 -10.43 -15.53
N GLN A 25 -14.33 -9.44 -14.82
CA GLN A 25 -15.17 -8.68 -13.89
C GLN A 25 -16.26 -7.91 -14.61
N ASP A 26 -16.01 -7.56 -15.87
CA ASP A 26 -17.04 -6.95 -16.71
C ASP A 26 -17.45 -7.88 -17.85
N LYS A 27 -17.18 -9.17 -17.67
CA LYS A 27 -17.50 -10.20 -18.67
C LYS A 27 -17.04 -9.77 -20.07
N LEU A 28 -15.82 -9.27 -20.15
CA LEU A 28 -15.28 -8.80 -21.42
C LEU A 28 -14.74 -9.94 -22.25
N THR A 29 -14.85 -9.79 -23.57
CA THR A 29 -14.19 -10.68 -24.51
C THR A 29 -12.84 -10.08 -24.94
N LEU A 30 -12.69 -8.78 -24.70
CA LEU A 30 -11.43 -8.09 -24.95
C LEU A 30 -10.32 -8.64 -24.06
N GLN A 31 -9.08 -8.45 -24.51
CA GLN A 31 -7.94 -8.94 -23.77
C GLN A 31 -6.90 -7.83 -23.56
N GLY A 32 -6.09 -7.98 -22.52
CA GLY A 32 -4.90 -7.16 -22.36
C GLY A 32 -5.18 -5.68 -22.27
N VAL A 33 -4.43 -4.90 -23.02
CA VAL A 33 -4.55 -3.45 -22.98
C VAL A 33 -5.96 -3.01 -23.40
N ASP A 34 -6.51 -3.63 -24.43
CA ASP A 34 -7.88 -3.32 -24.84
C ASP A 34 -8.87 -3.51 -23.70
N ALA A 35 -8.69 -4.58 -22.94
CA ALA A 35 -9.56 -4.85 -21.80
C ALA A 35 -9.39 -3.79 -20.72
N SER A 36 -8.15 -3.44 -20.38
CA SER A 36 -7.93 -2.36 -19.41
C SER A 36 -8.64 -1.08 -19.83
N HIS A 37 -8.52 -0.74 -21.11
CA HIS A 37 -9.14 0.48 -21.60
C HIS A 37 -10.64 0.45 -21.46
N LYS A 38 -11.24 -0.72 -21.68
CA LYS A 38 -12.69 -0.84 -21.56
C LYS A 38 -13.15 -0.81 -20.10
N LEU A 39 -12.37 -1.44 -19.21
CA LEU A 39 -12.65 -1.38 -17.78
C LEU A 39 -12.62 0.06 -17.30
N ALA A 40 -11.62 0.80 -17.75
CA ALA A 40 -11.51 2.23 -17.44
C ALA A 40 -12.70 3.01 -18.00
N GLU A 41 -13.06 2.75 -19.26
CA GLU A 41 -14.18 3.45 -19.87
C GLU A 41 -15.47 3.23 -19.08
N HIS A 42 -15.68 2.00 -18.61
CA HIS A 42 -16.87 1.69 -17.82
C HIS A 42 -16.94 2.53 -16.55
N ASP A 43 -15.79 2.97 -16.05
CA ASP A 43 -15.72 3.79 -14.85
C ASP A 43 -15.68 5.30 -15.12
N LEU A 44 -15.70 5.70 -16.39
CA LEU A 44 -15.46 7.11 -16.72
C LEU A 44 -16.50 8.09 -16.17
N VAL A 45 -17.79 7.81 -16.34
CA VAL A 45 -18.80 8.77 -15.89
C VAL A 45 -18.66 9.02 -14.38
N ARG A 46 -18.47 7.94 -13.62
CA ARG A 46 -18.26 8.10 -12.19
C ARG A 46 -16.97 8.84 -11.91
N MET A 47 -15.89 8.48 -12.61
CA MET A 47 -14.61 9.13 -12.37
C MET A 47 -14.71 10.64 -12.60
N ASN A 48 -15.47 11.04 -13.62
CA ASN A 48 -15.58 12.45 -13.96
C ASN A 48 -16.19 13.27 -12.82
N LYS A 49 -17.00 12.64 -11.98
CA LYS A 49 -17.50 13.34 -10.80
C LYS A 49 -16.37 13.79 -9.88
N TYR A 50 -15.31 12.97 -9.86
CA TYR A 50 -14.17 13.19 -8.99
C TYR A 50 -13.00 13.86 -9.70
N LYS A 51 -13.12 14.16 -11.00
CA LYS A 51 -11.98 14.62 -11.78
CA LYS A 51 -11.99 14.64 -11.79
C LYS A 51 -11.36 15.89 -11.22
N GLU A 52 -12.17 16.85 -10.79
CA GLU A 52 -11.62 18.08 -10.22
C GLU A 52 -10.77 17.77 -8.98
N LEU A 53 -11.29 16.91 -8.11
CA LEU A 53 -10.53 16.53 -6.91
C LEU A 53 -9.26 15.77 -7.25
N ILE A 54 -9.37 14.82 -8.17
CA ILE A 54 -8.23 14.01 -8.58
C ILE A 54 -7.14 14.91 -9.15
N THR A 55 -7.53 15.87 -9.98
CA THR A 55 -6.59 16.81 -10.57
C THR A 55 -5.87 17.63 -9.51
N ARG A 56 -6.64 18.15 -8.55
CA ARG A 56 -6.05 18.93 -7.48
CA ARG A 56 -6.07 18.93 -7.48
C ARG A 56 -5.08 18.09 -6.67
N VAL A 57 -5.47 16.86 -6.33
CA VAL A 57 -4.58 16.00 -5.55
C VAL A 57 -3.30 15.70 -6.31
N GLY A 58 -3.41 15.40 -7.60
CA GLY A 58 -2.23 15.14 -8.38
C GLY A 58 -1.31 16.34 -8.42
N GLN A 59 -1.89 17.51 -8.68
CA GLN A 59 -1.09 18.72 -8.73
C GLN A 59 -0.39 18.99 -7.40
N LYS A 60 -1.12 18.82 -6.30
CA LYS A 60 -0.59 19.07 -4.96
CA LYS A 60 -0.60 19.06 -4.96
C LYS A 60 0.49 18.07 -4.56
N HIS A 61 0.58 16.94 -5.26
CA HIS A 61 1.57 15.91 -4.96
C HIS A 61 2.60 15.68 -6.05
N GLY A 62 2.55 16.47 -7.12
CA GLY A 62 3.49 16.29 -8.21
C GLY A 62 3.34 14.94 -8.90
N LEU A 63 2.11 14.45 -9.02
CA LEU A 63 1.86 13.17 -9.65
C LEU A 63 0.78 13.34 -10.71
N ASP A 64 0.94 12.66 -11.82
CA ASP A 64 -0.05 12.71 -12.90
C ASP A 64 -1.44 12.30 -12.39
N PRO A 65 -2.44 13.17 -12.54
CA PRO A 65 -3.80 12.79 -12.10
C PRO A 65 -4.31 11.53 -12.77
N ALA A 66 -3.83 11.25 -13.98
CA ALA A 66 -4.27 10.04 -14.66
C ALA A 66 -3.89 8.76 -13.92
N ILE A 67 -2.76 8.78 -13.22
CA ILE A 67 -2.37 7.61 -12.43
C ILE A 67 -3.33 7.42 -11.27
N ILE A 68 -3.72 8.50 -10.61
CA ILE A 68 -4.68 8.44 -9.52
C ILE A 68 -5.99 7.84 -10.03
N ALA A 69 -6.45 8.30 -11.19
CA ALA A 69 -7.66 7.75 -11.78
C ALA A 69 -7.51 6.27 -12.09
N GLY A 70 -6.37 5.85 -12.63
CA GLY A 70 -6.16 4.44 -12.88
C GLY A 70 -6.26 3.59 -11.62
N ILE A 71 -5.64 4.05 -10.54
CA ILE A 71 -5.73 3.36 -9.26
C ILE A 71 -7.18 3.29 -8.80
N ILE A 72 -7.91 4.40 -8.86
CA ILE A 72 -9.30 4.43 -8.39
C ILE A 72 -10.17 3.46 -9.20
N SER A 73 -9.97 3.44 -10.51
CA SER A 73 -10.74 2.53 -11.35
C SER A 73 -10.46 1.09 -10.94
N ARG A 74 -9.19 0.75 -10.80
CA ARG A 74 -8.84 -0.61 -10.42
C ARG A 74 -9.32 -0.99 -9.01
N GLU A 75 -9.14 -0.08 -8.05
CA GLU A 75 -9.39 -0.41 -6.65
C GLU A 75 -10.87 -0.51 -6.29
N SER A 76 -11.69 0.37 -6.86
CA SER A 76 -13.07 0.51 -6.41
C SER A 76 -14.08 0.70 -7.53
N ARG A 77 -13.64 0.66 -8.79
CA ARG A 77 -14.50 1.00 -9.93
C ARG A 77 -15.10 2.40 -9.71
N ALA A 78 -14.27 3.32 -9.26
CA ALA A 78 -14.71 4.69 -8.99
C ALA A 78 -15.92 4.71 -8.06
N GLY A 79 -15.87 3.83 -7.06
CA GLY A 79 -16.84 3.80 -5.98
C GLY A 79 -17.93 2.76 -6.12
N SER A 80 -18.17 2.27 -7.33
CA SER A 80 -19.27 1.36 -7.59
CA SER A 80 -19.33 1.41 -7.51
CA SER A 80 -19.29 1.37 -7.56
C SER A 80 -19.17 0.06 -6.79
N ALA A 81 -17.94 -0.36 -6.55
CA ALA A 81 -17.70 -1.65 -5.89
C ALA A 81 -17.77 -1.56 -4.36
N LEU A 82 -18.03 -0.38 -3.82
CA LEU A 82 -17.93 -0.17 -2.38
C LEU A 82 -19.30 -0.08 -1.70
N ASP A 83 -19.30 -0.31 -0.39
CA ASP A 83 -20.48 -0.26 0.46
C ASP A 83 -20.20 0.82 1.51
N HIS A 84 -20.78 2.01 1.31
CA HIS A 84 -20.46 3.16 2.16
C HIS A 84 -18.94 3.37 2.24
N GLY A 85 -18.26 3.17 1.12
CA GLY A 85 -16.83 3.40 1.03
C GLY A 85 -15.97 2.19 1.34
N TRP A 86 -16.57 1.11 1.80
CA TRP A 86 -15.81 -0.05 2.25
C TRP A 86 -15.78 -1.18 1.25
N GLY A 87 -14.63 -1.83 1.16
N GLY A 87 -14.61 -1.80 1.14
CA GLY A 87 -14.49 -3.06 0.42
CA GLY A 87 -14.47 -3.04 0.40
C GLY A 87 -15.23 -4.19 1.11
C GLY A 87 -13.68 -4.02 1.24
N ASP A 88 -15.24 -5.36 0.47
N ASP A 88 -13.58 -5.25 0.77
CA ASP A 88 -16.12 -6.45 0.89
CA ASP A 88 -12.72 -6.24 1.41
C ASP A 88 -15.84 -7.01 2.28
C ASP A 88 -13.11 -6.53 2.86
N HIS A 89 -14.63 -6.77 2.80
N HIS A 89 -14.33 -6.99 3.05
CA HIS A 89 -14.25 -7.30 4.11
CA HIS A 89 -14.75 -7.38 4.39
C HIS A 89 -14.08 -6.19 5.16
C HIS A 89 -14.49 -6.23 5.35
N GLY A 90 -14.58 -5.00 4.84
CA GLY A 90 -14.54 -3.87 5.73
C GLY A 90 -13.15 -3.41 6.11
N LYS A 91 -12.15 -3.76 5.29
CA LYS A 91 -10.78 -3.34 5.58
C LYS A 91 -10.30 -2.23 4.65
N GLY A 92 -10.67 -2.29 3.38
CA GLY A 92 -10.31 -1.26 2.43
C GLY A 92 -11.30 -0.11 2.44
N PHE A 93 -10.79 1.12 2.51
CA PHE A 93 -11.62 2.31 2.63
C PHE A 93 -11.36 3.30 1.50
N GLY A 94 -12.44 3.80 0.91
CA GLY A 94 -12.34 4.91 -0.01
C GLY A 94 -12.15 4.52 -1.46
N LEU A 95 -12.25 5.51 -2.33
CA LEU A 95 -12.01 5.33 -3.76
C LEU A 95 -10.71 4.60 -4.08
N MET A 96 -9.66 4.81 -3.28
CA MET A 96 -8.36 4.20 -3.49
C MET A 96 -8.08 3.02 -2.57
N GLN A 97 -9.04 2.67 -1.71
CA GLN A 97 -8.96 1.49 -0.85
C GLN A 97 -7.70 1.48 0.03
N VAL A 98 -7.60 2.51 0.86
CA VAL A 98 -6.62 2.54 1.93
C VAL A 98 -6.96 1.46 2.95
N ASP A 99 -5.98 0.68 3.39
CA ASP A 99 -6.24 -0.41 4.33
C ASP A 99 -6.23 0.14 5.75
N LYS A 100 -7.40 0.08 6.40
CA LYS A 100 -7.57 0.65 7.73
C LYS A 100 -6.71 -0.05 8.78
N ARG A 101 -6.18 -1.23 8.46
CA ARG A 101 -5.31 -1.94 9.40
C ARG A 101 -3.88 -1.41 9.37
N TYR A 102 -3.51 -0.80 8.25
CA TYR A 102 -2.16 -0.26 8.03
C TYR A 102 -2.08 1.24 8.28
N HIS A 103 -3.22 1.93 8.22
CA HIS A 103 -3.26 3.38 8.29
C HIS A 103 -4.47 3.84 9.06
N LYS A 104 -4.34 5.00 9.71
CA LYS A 104 -5.49 5.69 10.26
C LYS A 104 -6.17 6.42 9.09
N ILE A 105 -7.36 5.97 8.72
CA ILE A 105 -8.04 6.55 7.58
C ILE A 105 -8.47 7.97 7.87
N VAL A 106 -8.37 8.82 6.86
CA VAL A 106 -8.82 10.19 6.93
C VAL A 106 -9.77 10.54 5.78
N GLY A 107 -10.71 11.42 6.08
CA GLY A 107 -11.66 11.90 5.11
C GLY A 107 -12.83 10.98 4.87
N ALA A 108 -13.88 11.52 4.28
CA ALA A 108 -14.93 10.67 3.74
C ALA A 108 -14.37 9.82 2.60
N TRP A 109 -15.07 8.74 2.30
CA TRP A 109 -14.58 7.77 1.34
C TRP A 109 -14.41 8.33 -0.08
N ASP A 110 -15.15 9.40 -0.38
CA ASP A 110 -15.16 10.03 -1.69
C ASP A 110 -14.52 11.43 -1.66
N SER A 111 -13.70 11.71 -0.66
CA SER A 111 -13.18 13.06 -0.40
C SER A 111 -11.79 13.29 -0.97
N GLU A 112 -11.47 14.57 -1.13
CA GLU A 112 -10.11 14.97 -1.47
C GLU A 112 -9.11 14.48 -0.43
N LYS A 113 -9.46 14.57 0.85
CA LYS A 113 -8.56 14.12 1.91
CA LYS A 113 -8.54 14.12 1.90
C LYS A 113 -8.22 12.64 1.75
N HIS A 114 -9.22 11.84 1.43
CA HIS A 114 -8.99 10.42 1.19
C HIS A 114 -8.09 10.21 -0.03
N ILE A 115 -8.40 10.90 -1.12
CA ILE A 115 -7.63 10.71 -2.35
C ILE A 115 -6.17 11.12 -2.10
N SER A 116 -5.96 12.18 -1.32
N SER A 116 -5.98 12.15 -1.28
CA SER A 116 -4.60 12.55 -0.95
CA SER A 116 -4.65 12.59 -0.91
C SER A 116 -3.89 11.44 -0.17
C SER A 116 -3.90 11.53 -0.12
N GLN A 117 -4.58 10.83 0.78
CA GLN A 117 -3.97 9.77 1.56
C GLN A 117 -3.56 8.59 0.67
N GLY A 118 -4.46 8.13 -0.20
CA GLY A 118 -4.09 7.03 -1.08
C GLY A 118 -2.94 7.39 -2.01
N THR A 119 -2.98 8.61 -2.51
CA THR A 119 -1.92 9.09 -3.39
C THR A 119 -0.57 9.14 -2.68
N GLU A 120 -0.57 9.60 -1.43
CA GLU A 120 0.65 9.64 -0.65
C GLU A 120 1.22 8.24 -0.43
N ILE A 121 0.35 7.27 -0.16
CA ILE A 121 0.78 5.90 0.03
C ILE A 121 1.42 5.36 -1.26
N LEU A 122 0.81 5.62 -2.41
CA LEU A 122 1.40 5.23 -3.68
C LEU A 122 2.77 5.88 -3.90
N ILE A 123 2.83 7.19 -3.66
N ILE A 123 2.84 7.18 -3.65
CA ILE A 123 4.08 7.94 -3.81
CA ILE A 123 4.09 7.93 -3.83
C ILE A 123 5.18 7.31 -2.99
C ILE A 123 5.20 7.37 -2.96
N GLU A 124 4.86 6.96 -1.75
CA GLU A 124 5.84 6.36 -0.86
C GLU A 124 6.31 5.00 -1.40
N PHE A 125 5.40 4.19 -1.94
CA PHE A 125 5.82 2.93 -2.55
C PHE A 125 6.75 3.16 -3.74
N ILE A 126 6.48 4.18 -4.55
CA ILE A 126 7.38 4.53 -5.65
C ILE A 126 8.78 4.85 -5.11
N ARG A 127 8.83 5.68 -4.07
CA ARG A 127 10.11 6.04 -3.45
C ARG A 127 10.88 4.79 -3.00
N ARG A 128 10.17 3.86 -2.38
CA ARG A 128 10.82 2.63 -1.92
C ARG A 128 11.39 1.81 -3.05
N ILE A 129 10.67 1.67 -4.15
CA ILE A 129 11.21 0.90 -5.27
C ILE A 129 12.42 1.60 -5.88
N GLN A 130 12.38 2.93 -5.95
CA GLN A 130 13.57 3.67 -6.38
C GLN A 130 14.76 3.41 -5.44
N ALA A 131 14.49 3.28 -4.14
CA ALA A 131 15.55 3.02 -3.17
C ALA A 131 16.08 1.58 -3.27
N LYS A 132 15.18 0.64 -3.49
CA LYS A 132 15.50 -0.78 -3.50
C LYS A 132 16.21 -1.20 -4.78
N PHE A 133 15.86 -0.55 -5.89
CA PHE A 133 16.42 -0.83 -7.20
C PHE A 133 16.87 0.48 -7.87
N PRO A 134 17.94 1.09 -7.35
CA PRO A 134 18.28 2.45 -7.79
C PRO A 134 18.81 2.58 -9.22
N VAL A 135 19.24 1.48 -9.83
CA VAL A 135 19.77 1.52 -11.18
C VAL A 135 18.68 1.29 -12.24
N TRP A 136 17.50 0.86 -11.80
CA TRP A 136 16.43 0.58 -12.78
C TRP A 136 16.04 1.83 -13.54
N PRO A 137 15.61 1.64 -14.79
CA PRO A 137 14.89 2.71 -15.49
C PRO A 137 13.75 3.24 -14.63
N LYS A 138 13.55 4.55 -14.67
CA LYS A 138 12.49 5.15 -13.87
C LYS A 138 11.11 4.59 -14.23
N GLU A 139 10.92 4.20 -15.49
CA GLU A 139 9.65 3.60 -15.89
C GLU A 139 9.38 2.33 -15.11
N HIS A 140 10.43 1.52 -14.90
CA HIS A 140 10.32 0.28 -14.18
C HIS A 140 10.09 0.52 -12.70
N GLN A 141 10.73 1.57 -12.17
CA GLN A 141 10.53 1.93 -10.77
C GLN A 141 9.09 2.42 -10.53
N LEU A 142 8.56 3.21 -11.45
CA LEU A 142 7.16 3.67 -11.35
C LEU A 142 6.21 2.47 -11.40
N LYS A 143 6.42 1.59 -12.37
CA LYS A 143 5.57 0.42 -12.50
C LYS A 143 5.68 -0.45 -11.25
N GLY A 144 6.89 -0.64 -10.74
CA GLY A 144 7.07 -1.41 -9.53
C GLY A 144 6.40 -0.79 -8.32
N GLY A 145 6.46 0.53 -8.21
CA GLY A 145 5.78 1.22 -7.14
C GLY A 145 4.27 1.01 -7.19
N ILE A 146 3.71 1.09 -8.39
CA ILE A 146 2.31 0.79 -8.58
C ILE A 146 2.00 -0.65 -8.16
N SER A 147 2.84 -1.61 -8.56
CA SER A 147 2.66 -2.99 -8.15
CA SER A 147 2.61 -2.99 -8.15
C SER A 147 2.65 -3.13 -6.64
N ALA A 148 3.53 -2.39 -5.99
CA ALA A 148 3.70 -2.42 -4.55
C ALA A 148 2.47 -1.83 -3.82
N TYR A 149 1.74 -0.93 -4.47
CA TYR A 149 0.52 -0.41 -3.87
C TYR A 149 -0.45 -1.56 -3.58
N ASN A 150 -0.44 -2.57 -4.42
CA ASN A 150 -1.25 -3.76 -4.22
C ASN A 150 -0.58 -4.82 -3.35
N ALA A 151 0.70 -5.10 -3.60
CA ALA A 151 1.33 -6.30 -3.02
C ALA A 151 2.44 -6.01 -2.02
N GLY A 152 2.79 -4.75 -1.82
CA GLY A 152 3.86 -4.35 -0.94
C GLY A 152 5.20 -4.30 -1.66
N ASP A 153 6.11 -3.44 -1.20
CA ASP A 153 7.43 -3.39 -1.80
C ASP A 153 8.17 -4.71 -1.66
N LYS A 154 7.84 -5.50 -0.64
CA LYS A 154 8.51 -6.78 -0.47
CA LYS A 154 8.49 -6.80 -0.46
C LYS A 154 8.17 -7.77 -1.59
N ASN A 155 7.09 -7.52 -2.34
CA ASN A 155 6.75 -8.39 -3.46
C ASN A 155 7.55 -8.09 -4.72
N VAL A 156 8.20 -6.94 -4.75
CA VAL A 156 9.00 -6.53 -5.89
C VAL A 156 10.43 -7.00 -5.61
N ARG A 157 10.75 -8.19 -6.12
CA ARG A 157 12.00 -8.85 -5.77
C ARG A 157 12.97 -8.91 -6.92
N THR A 158 12.45 -8.83 -8.15
CA THR A 158 13.26 -8.94 -9.35
C THR A 158 12.72 -8.00 -10.42
N TYR A 159 13.56 -7.72 -11.41
CA TYR A 159 13.16 -6.93 -12.56
C TYR A 159 11.98 -7.59 -13.27
N GLU A 160 12.08 -8.91 -13.49
CA GLU A 160 11.06 -9.66 -14.21
C GLU A 160 9.90 -10.03 -13.29
N ARG A 161 8.76 -10.35 -13.88
CA ARG A 161 7.64 -10.95 -13.15
C ARG A 161 7.10 -10.06 -12.02
N MET A 162 7.12 -8.76 -12.27
N MET A 162 7.12 -8.75 -12.25
N MET A 162 7.17 -8.74 -12.18
CA MET A 162 6.76 -7.78 -11.27
CA MET A 162 6.74 -7.78 -11.23
CA MET A 162 6.73 -7.88 -11.07
C MET A 162 5.29 -7.87 -10.80
C MET A 162 5.29 -7.95 -10.76
C MET A 162 5.28 -8.13 -10.68
N ASP A 163 4.41 -8.37 -11.67
CA ASP A 163 2.98 -8.55 -11.31
C ASP A 163 2.66 -9.94 -10.78
N VAL A 164 3.63 -10.86 -10.78
CA VAL A 164 3.39 -12.15 -10.14
C VAL A 164 3.17 -11.91 -8.64
N GLY A 165 2.11 -12.49 -8.11
CA GLY A 165 1.78 -12.31 -6.72
C GLY A 165 0.86 -11.15 -6.45
N THR A 166 0.62 -10.29 -7.44
CA THR A 166 -0.37 -9.24 -7.29
C THR A 166 -1.77 -9.79 -7.55
N THR A 167 -2.78 -9.08 -7.07
CA THR A 167 -4.16 -9.47 -7.37
C THR A 167 -4.33 -9.53 -8.88
N GLY A 168 -4.90 -10.63 -9.36
CA GLY A 168 -5.12 -10.80 -10.80
C GLY A 168 -3.88 -11.12 -11.61
N GLY A 169 -2.72 -11.13 -10.97
CA GLY A 169 -1.47 -11.33 -11.67
C GLY A 169 -1.15 -10.24 -12.67
N ASP A 170 -1.71 -9.05 -12.48
CA ASP A 170 -1.65 -8.02 -13.50
C ASP A 170 -1.78 -6.60 -12.94
N TYR A 171 -1.56 -6.39 -11.65
CA TYR A 171 -2.01 -5.14 -11.06
C TYR A 171 -1.38 -3.92 -11.74
N SER A 172 -0.06 -3.88 -11.82
CA SER A 172 0.57 -2.70 -12.41
C SER A 172 0.35 -2.62 -13.90
N ASN A 173 0.38 -3.73 -14.61
CA ASN A 173 0.07 -3.69 -16.03
C ASN A 173 -1.31 -3.08 -16.28
N ASP A 174 -2.30 -3.54 -15.54
CA ASP A 174 -3.67 -3.04 -15.71
C ASP A 174 -3.75 -1.57 -15.32
N VAL A 175 -3.25 -1.21 -14.14
CA VAL A 175 -3.32 0.17 -13.72
C VAL A 175 -2.61 1.11 -14.70
N VAL A 176 -1.44 0.73 -15.19
CA VAL A 176 -0.77 1.59 -16.15
C VAL A 176 -1.63 1.82 -17.40
N ALA A 177 -2.20 0.75 -17.93
CA ALA A 177 -3.03 0.88 -19.13
C ALA A 177 -4.28 1.73 -18.85
N ARG A 178 -4.94 1.53 -17.73
CA ARG A 178 -6.10 2.36 -17.40
C ARG A 178 -5.69 3.83 -17.25
N SER A 179 -4.56 4.07 -16.60
CA SER A 179 -4.08 5.42 -16.39
C SER A 179 -3.85 6.11 -17.73
N GLN A 180 -3.21 5.41 -18.66
CA GLN A 180 -2.97 5.98 -19.99
C GLN A 180 -4.30 6.33 -20.68
N TRP A 181 -5.29 5.46 -20.51
CA TRP A 181 -6.61 5.73 -21.08
C TRP A 181 -7.22 6.99 -20.49
N PHE A 182 -7.17 7.15 -19.16
CA PHE A 182 -7.69 8.36 -18.54
C PHE A 182 -6.92 9.59 -18.99
N LYS A 183 -5.61 9.45 -19.20
CA LYS A 183 -4.83 10.57 -19.69
C LYS A 183 -5.37 11.05 -21.05
N SER A 184 -5.78 10.12 -21.89
CA SER A 184 -6.32 10.49 -23.20
C SER A 184 -7.73 11.04 -23.09
N GLN A 185 -8.40 10.89 -21.95
CA GLN A 185 -9.65 11.57 -21.65
C GLN A 185 -9.43 12.95 -21.02
N GLY A 186 -8.18 13.39 -20.93
CA GLY A 186 -7.88 14.71 -20.42
C GLY A 186 -7.56 14.79 -18.94
N TYR A 187 -7.38 13.65 -18.26
CA TYR A 187 -6.95 13.68 -16.86
C TYR A 187 -5.51 14.16 -16.77
N ALA B 1 -9.83 -13.32 16.44
CA ALA B 1 -9.03 -12.62 15.43
C ALA B 1 -7.56 -12.87 15.70
N GLY B 2 -6.71 -11.89 15.45
CA GLY B 2 -5.32 -11.99 15.83
C GLY B 2 -5.16 -11.91 17.33
N LYS B 3 -3.95 -12.16 17.80
CA LYS B 3 -3.64 -12.14 19.21
CA LYS B 3 -3.69 -12.12 19.22
C LYS B 3 -3.12 -10.77 19.65
N ASN B 4 -3.11 -10.55 20.95
CA ASN B 4 -2.60 -9.34 21.55
C ASN B 4 -1.63 -9.73 22.65
N VAL B 5 -0.40 -9.24 22.55
CA VAL B 5 0.68 -9.61 23.44
C VAL B 5 1.32 -8.36 24.02
N ASN B 6 1.48 -8.32 25.34
CA ASN B 6 2.30 -7.30 25.97
C ASN B 6 3.75 -7.76 25.93
N VAL B 7 4.60 -7.00 25.26
CA VAL B 7 6.00 -7.38 25.09
C VAL B 7 6.71 -7.33 26.43
N GLU B 8 7.47 -8.39 26.69
CA GLU B 8 8.29 -8.51 27.88
C GLU B 8 9.70 -8.92 27.45
N PHE B 9 10.69 -8.49 28.22
CA PHE B 9 12.08 -8.74 27.91
C PHE B 9 12.73 -9.56 29.00
N ARG B 10 13.52 -10.56 28.60
CA ARG B 10 14.30 -11.31 29.56
C ARG B 10 15.34 -10.39 30.18
N LYS B 11 15.71 -10.66 31.43
CA LYS B 11 16.71 -9.86 32.11
C LYS B 11 17.98 -9.81 31.29
N GLY B 12 18.51 -8.61 31.11
CA GLY B 12 19.74 -8.40 30.39
C GLY B 12 19.59 -8.37 28.88
N HIS B 13 18.36 -8.41 28.38
CA HIS B 13 18.12 -8.44 26.95
C HIS B 13 17.43 -7.17 26.45
N SER B 14 17.92 -6.63 25.34
CA SER B 14 17.28 -5.51 24.67
C SER B 14 16.27 -5.96 23.62
N SER B 15 16.31 -7.23 23.23
CA SER B 15 15.38 -7.79 22.26
C SER B 15 14.48 -8.82 22.91
N ALA B 16 13.25 -8.87 22.39
CA ALA B 16 12.26 -9.87 22.73
C ALA B 16 11.95 -10.69 21.47
N GLN B 17 11.60 -11.96 21.70
CA GLN B 17 11.33 -12.91 20.63
C GLN B 17 9.93 -13.48 20.76
N TYR B 18 9.17 -13.46 19.66
CA TYR B 18 7.85 -14.05 19.62
C TYR B 18 7.64 -14.72 18.27
N SER B 19 6.59 -15.52 18.17
CA SER B 19 6.21 -16.11 16.91
C SER B 19 4.71 -16.20 16.82
N GLY B 20 4.21 -16.43 15.62
CA GLY B 20 2.79 -16.59 15.43
C GLY B 20 2.46 -16.99 14.01
N GLU B 21 1.18 -16.93 13.69
CA GLU B 21 0.73 -17.18 12.33
C GLU B 21 -0.50 -16.34 12.11
N ILE B 22 -0.45 -15.48 11.11
CA ILE B 22 -1.66 -14.71 10.85
CA ILE B 22 -1.58 -14.63 10.77
C ILE B 22 -2.37 -15.30 9.63
N LYS B 23 -3.67 -15.30 9.76
CA LYS B 23 -4.54 -15.85 8.73
C LYS B 23 -5.53 -14.78 8.30
N GLY B 24 -5.87 -14.77 7.01
CA GLY B 24 -6.84 -13.82 6.51
C GLY B 24 -6.44 -12.40 6.81
N TYR B 25 -7.42 -11.61 7.26
CA TYR B 25 -7.21 -10.20 7.54
C TYR B 25 -6.78 -9.93 8.98
N ASP B 26 -6.56 -11.00 9.75
CA ASP B 26 -6.17 -10.83 11.14
C ASP B 26 -4.79 -10.18 11.24
N TYR B 27 -4.58 -9.43 12.31
CA TYR B 27 -3.25 -9.01 12.64
C TYR B 27 -2.97 -9.30 14.10
N ASP B 28 -1.71 -9.59 14.39
CA ASP B 28 -1.25 -9.77 15.76
C ASP B 28 -0.67 -8.46 16.26
N THR B 29 -0.95 -8.14 17.51
CA THR B 29 -0.51 -6.89 18.11
CA THR B 29 -0.48 -6.90 18.10
C THR B 29 0.47 -7.18 19.23
N TYR B 30 1.60 -6.47 19.22
CA TYR B 30 2.60 -6.54 20.27
C TYR B 30 2.73 -5.14 20.82
N THR B 31 2.42 -4.94 22.10
CA THR B 31 2.45 -3.61 22.69
CA THR B 31 2.47 -3.61 22.68
C THR B 31 3.61 -3.46 23.66
N PHE B 32 4.13 -2.24 23.78
CA PHE B 32 5.23 -1.97 24.68
C PHE B 32 5.20 -0.50 25.06
N TYR B 33 5.69 -0.21 26.27
CA TYR B 33 5.87 1.16 26.71
C TYR B 33 7.33 1.51 26.65
N ALA B 34 7.65 2.67 26.08
CA ALA B 34 9.03 3.13 26.04
C ALA B 34 9.06 4.66 26.04
N LYS B 35 10.26 5.20 26.23
CA LYS B 35 10.44 6.63 26.40
CA LYS B 35 10.42 6.63 26.41
C LYS B 35 10.77 7.33 25.10
N LYS B 36 10.38 8.59 24.99
CA LYS B 36 10.70 9.40 23.84
C LYS B 36 12.19 9.30 23.54
N GLY B 37 12.52 9.08 22.28
CA GLY B 37 13.91 9.04 21.85
C GLY B 37 14.56 7.67 21.95
N GLN B 38 13.94 6.72 22.65
CA GLN B 38 14.41 5.35 22.53
C GLN B 38 14.20 4.86 21.12
N LYS B 39 14.98 3.86 20.74
CA LYS B 39 15.00 3.37 19.37
C LYS B 39 14.47 1.96 19.28
N VAL B 40 13.56 1.77 18.32
N VAL B 40 13.57 1.75 18.31
CA VAL B 40 12.97 0.47 18.05
CA VAL B 40 12.96 0.45 18.10
C VAL B 40 13.51 -0.08 16.75
C VAL B 40 13.35 -0.13 16.74
N HIS B 41 13.78 -1.39 16.76
CA HIS B 41 14.11 -2.12 15.54
C HIS B 41 13.30 -3.41 15.59
N VAL B 42 12.63 -3.71 14.48
CA VAL B 42 11.88 -4.95 14.35
C VAL B 42 12.36 -5.72 13.14
N SER B 43 12.60 -7.01 13.33
CA SER B 43 12.89 -7.92 12.25
C SER B 43 11.88 -9.06 12.27
N ILE B 44 11.56 -9.58 11.10
CA ILE B 44 10.56 -10.64 10.99
C ILE B 44 10.99 -11.62 9.91
N SER B 45 10.75 -12.91 10.15
CA SER B 45 11.32 -13.95 9.32
C SER B 45 10.57 -14.21 8.03
N ASN B 46 9.34 -13.75 7.95
CA ASN B 46 8.51 -13.95 6.77
C ASN B 46 8.45 -12.65 5.97
N GLU B 47 8.96 -12.66 4.74
CA GLU B 47 8.97 -11.44 3.93
C GLU B 47 7.58 -10.95 3.56
N GLY B 48 6.61 -11.85 3.66
CA GLY B 48 5.23 -11.50 3.32
C GLY B 48 4.48 -10.92 4.51
N ALA B 49 5.18 -10.78 5.63
CA ALA B 49 4.54 -10.21 6.79
C ALA B 49 5.02 -8.78 6.96
N ASP B 50 4.07 -7.88 7.14
CA ASP B 50 4.38 -6.49 7.39
C ASP B 50 4.37 -6.20 8.87
N THR B 51 5.08 -5.13 9.24
CA THR B 51 5.27 -4.75 10.63
C THR B 51 5.11 -3.24 10.71
N TYR B 52 3.97 -2.78 11.24
CA TYR B 52 3.63 -1.37 11.30
C TYR B 52 3.38 -0.96 12.75
N LEU B 53 3.87 0.23 13.11
CA LEU B 53 3.79 0.73 14.47
C LEU B 53 2.80 1.90 14.57
N PHE B 54 2.05 1.89 15.68
CA PHE B 54 1.06 2.90 16.01
C PHE B 54 1.33 3.37 17.43
N GLY B 55 0.98 4.60 17.74
CA GLY B 55 1.10 5.07 19.10
C GLY B 55 1.19 6.58 19.22
N PRO B 56 1.49 7.05 20.41
CA PRO B 56 1.49 8.50 20.64
C PRO B 56 2.56 9.19 19.80
N GLY B 57 2.20 10.34 19.26
CA GLY B 57 3.11 11.11 18.43
C GLY B 57 3.19 10.60 17.00
N ILE B 58 2.51 9.51 16.70
CA ILE B 58 2.42 8.97 15.33
C ILE B 58 1.01 9.27 14.83
N ASP B 59 0.89 10.24 13.91
CA ASP B 59 -0.43 10.64 13.45
C ASP B 59 -1.11 9.54 12.65
N ASP B 60 -0.33 8.79 11.87
CA ASP B 60 -0.86 7.73 11.03
C ASP B 60 -0.29 6.40 11.52
N SER B 61 0.81 5.96 10.91
CA SER B 61 1.48 4.72 11.27
C SER B 61 2.92 4.83 10.80
N VAL B 62 3.77 3.94 11.32
CA VAL B 62 5.18 3.88 10.95
C VAL B 62 5.53 2.48 10.53
N ASP B 63 5.92 2.33 9.27
CA ASP B 63 6.40 1.06 8.78
C ASP B 63 7.79 0.82 9.38
N LEU B 64 8.04 -0.39 9.90
CA LEU B 64 9.34 -0.72 10.47
C LEU B 64 10.18 -1.65 9.59
N SER B 65 9.69 -1.92 8.38
CA SER B 65 10.45 -2.74 7.44
C SER B 65 11.55 -1.91 6.74
N ARG B 66 12.43 -2.60 6.03
CA ARG B 66 13.71 -2.04 5.61
C ARG B 66 13.62 -0.69 4.89
N TYR B 67 12.71 -0.54 3.93
CA TYR B 67 12.66 0.67 3.10
C TYR B 67 11.70 1.74 3.66
N SER B 68 11.34 1.63 4.93
CA SER B 68 10.51 2.64 5.56
CA SER B 68 10.49 2.64 5.55
C SER B 68 11.18 4.01 5.58
N PRO B 69 10.39 5.08 5.37
CA PRO B 69 10.95 6.45 5.36
C PRO B 69 11.26 6.99 6.76
N GLU B 70 10.93 6.24 7.80
CA GLU B 70 11.15 6.70 9.17
C GLU B 70 12.34 6.03 9.83
N LEU B 71 12.98 5.10 9.14
CA LEU B 71 14.13 4.39 9.71
C LEU B 71 15.44 5.06 9.37
N ASP B 72 16.33 5.10 10.34
CA ASP B 72 17.67 5.59 10.11
C ASP B 72 18.53 4.50 9.45
N SER B 73 19.82 4.79 9.28
CA SER B 73 20.68 3.87 8.55
C SER B 73 20.96 2.59 9.32
N HIS B 74 20.57 2.54 10.58
CA HIS B 74 20.66 1.30 11.38
C HIS B 74 19.34 0.58 11.50
N GLY B 75 18.37 0.98 10.70
CA GLY B 75 17.09 0.30 10.73
C GLY B 75 16.33 0.56 12.01
N GLN B 76 16.59 1.69 12.65
CA GLN B 76 15.95 2.06 13.90
C GLN B 76 15.01 3.24 13.74
N TYR B 77 13.94 3.20 14.52
CA TYR B 77 12.95 4.27 14.58
C TYR B 77 13.03 4.91 15.97
N SER B 78 13.23 6.22 16.00
N SER B 78 13.21 6.22 16.00
CA SER B 78 13.26 6.95 17.26
CA SER B 78 13.26 6.98 17.24
C SER B 78 11.84 7.30 17.67
C SER B 78 11.84 7.34 17.68
N LEU B 79 11.43 6.83 18.84
CA LEU B 79 10.06 7.07 19.29
C LEU B 79 9.81 8.56 19.51
N PRO B 80 8.68 9.06 19.01
CA PRO B 80 8.44 10.50 19.05
C PRO B 80 7.83 10.99 20.36
N ALA B 81 7.43 10.07 21.22
CA ALA B 81 6.82 10.42 22.49
C ALA B 81 7.11 9.28 23.47
N SER B 82 6.87 9.54 24.75
CA SER B 82 6.85 8.47 25.73
C SER B 82 5.46 7.90 25.80
N GLY B 83 5.34 6.59 25.81
CA GLY B 83 4.04 5.98 25.91
C GLY B 83 4.01 4.56 25.43
N LYS B 84 2.79 4.06 25.28
CA LYS B 84 2.51 2.71 24.87
C LYS B 84 2.29 2.67 23.36
N TYR B 85 3.12 1.89 22.68
CA TYR B 85 3.06 1.71 21.24
C TYR B 85 2.55 0.32 20.91
N GLU B 86 1.98 0.19 19.72
CA GLU B 86 1.42 -1.06 19.24
CA GLU B 86 1.40 -1.05 19.22
C GLU B 86 2.03 -1.43 17.89
N LEU B 87 2.69 -2.58 17.86
CA LEU B 87 3.21 -3.15 16.63
C LEU B 87 2.19 -4.14 16.09
N ARG B 88 1.78 -3.94 14.84
CA ARG B 88 0.90 -4.87 14.15
C ARG B 88 1.69 -5.68 13.15
N VAL B 89 1.48 -7.00 13.18
CA VAL B 89 2.02 -7.93 12.21
C VAL B 89 0.84 -8.38 11.35
N LEU B 90 0.94 -8.12 10.05
CA LEU B 90 -0.20 -8.43 9.20
C LEU B 90 0.25 -8.74 7.78
N GLN B 91 -0.71 -9.13 6.94
CA GLN B 91 -0.45 -9.31 5.52
C GLN B 91 -1.42 -8.43 4.73
N THR B 92 -1.08 -8.19 3.48
CA THR B 92 -1.85 -7.27 2.65
C THR B 92 -3.28 -7.78 2.40
N ARG B 93 -4.16 -6.86 2.01
CA ARG B 93 -5.49 -7.26 1.55
CA ARG B 93 -5.49 -7.23 1.51
C ARG B 93 -5.36 -8.27 0.41
N ASN B 94 -4.42 -8.04 -0.49
CA ASN B 94 -4.15 -8.95 -1.59
C ASN B 94 -3.96 -10.38 -1.11
N ASP B 95 -3.04 -10.57 -0.16
CA ASP B 95 -2.75 -11.91 0.33
C ASP B 95 -3.90 -12.48 1.18
N ALA B 96 -4.53 -11.62 1.96
CA ALA B 96 -5.67 -12.04 2.77
C ALA B 96 -6.80 -12.57 1.88
N ARG B 97 -7.07 -11.86 0.79
CA ARG B 97 -8.13 -12.24 -0.14
C ARG B 97 -7.84 -13.60 -0.78
N LYS B 98 -6.56 -13.91 -0.94
CA LYS B 98 -6.10 -15.18 -1.51
C LYS B 98 -6.02 -16.30 -0.48
N ASN B 99 -6.46 -16.02 0.73
CA ASN B 99 -6.43 -16.98 1.83
C ASN B 99 -5.04 -17.50 2.15
N LYS B 100 -4.04 -16.65 1.96
CA LYS B 100 -2.70 -17.01 2.39
C LYS B 100 -2.59 -16.88 3.90
N THR B 101 -1.56 -17.49 4.46
CA THR B 101 -1.23 -17.25 5.85
C THR B 101 0.24 -16.95 5.95
N LYS B 102 0.64 -16.31 7.04
CA LYS B 102 2.03 -15.99 7.28
C LYS B 102 2.46 -16.50 8.65
N LYS B 103 3.20 -17.60 8.66
CA LYS B 103 3.90 -18.05 9.86
C LYS B 103 5.13 -17.16 10.01
N TYR B 104 5.44 -16.74 11.23
CA TYR B 104 6.53 -15.79 11.42
C TYR B 104 7.17 -15.90 12.79
N ASN B 105 8.45 -15.53 12.82
CA ASN B 105 9.22 -15.23 14.01
C ASN B 105 9.54 -13.74 13.98
N VAL B 106 9.22 -13.04 15.06
CA VAL B 106 9.49 -11.61 15.14
C VAL B 106 10.45 -11.30 16.29
N ASP B 107 11.30 -10.31 16.05
CA ASP B 107 12.23 -9.77 17.03
C ASP B 107 11.87 -8.31 17.25
N ILE B 108 11.80 -7.89 18.51
CA ILE B 108 11.47 -6.52 18.85
C ILE B 108 12.58 -6.02 19.78
N GLN B 109 13.35 -5.05 19.31
CA GLN B 109 14.47 -4.49 20.08
C GLN B 109 14.16 -3.05 20.45
N ILE B 110 14.35 -2.72 21.73
CA ILE B 110 14.20 -1.35 22.20
C ILE B 110 15.48 -0.98 22.93
N LYS B 111 16.12 0.10 22.46
CA LYS B 111 17.38 0.57 23.02
C LYS B 111 17.24 2.02 23.43
CL CL C . -11.90 -5.06 2.28
CAC FLC D . 20.36 -7.17 21.27
CA FLC D . 20.49 -8.65 21.16
CB FLC D . 20.79 -9.37 22.42
CBC FLC D . 19.79 -8.92 23.44
CG FLC D . 20.66 -10.83 22.16
CGC FLC D . 21.02 -11.81 23.22
OA1 FLC D . 21.41 -6.50 21.48
OA2 FLC D . 19.23 -6.63 21.18
OB1 FLC D . 20.12 -8.07 24.31
OB2 FLC D . 18.61 -9.37 23.42
OG1 FLC D . 20.84 -13.04 23.01
OG2 FLC D . 21.50 -11.44 24.32
OHB FLC D . 22.07 -9.05 22.83
#